data_2XK7
#
_entry.id   2XK7
#
_cell.length_a   101.200
_cell.length_b   56.770
_cell.length_c   74.140
_cell.angle_alpha   90.00
_cell.angle_beta   127.61
_cell.angle_gamma   90.00
#
_symmetry.space_group_name_H-M   'C 1 2 1'
#
loop_
_entity.id
_entity.type
_entity.pdbx_description
1 polymer 'SERINE/THREONINE-PROTEIN KINASE NEK2'
2 non-polymer '(3R,4R)-1-[3-amino-6-(3,4,5-trimethoxyphenyl)pyrazin-2-yl]-3-ethylpiperidine-4-carboxylic acid'
3 non-polymer 'CHLORIDE ION'
4 water water
#
_entity_poly.entity_id   1
_entity_poly.type   'polypeptide(L)'
_entity_poly.pdbx_seq_one_letter_code
;MPSRAEDYEVLYTIGTGSYGRCQKIRRKSDGKILVWKELDYGSMTEAEKQMLVSEVNLLRELKHPNIVRYYDRIIDRTNT
TLYIVMEYCEGGDLASVITKGTKERQYLDEEFVLRVMTQLTLALKECHRRSDGGHTVLHRDLKPANVFLDGKQNVKLGDF
GLARILNHDTSFAKTFVGTPYYMSPEQMNRMSYNEKSDIWSLGCLLYELCALMPPFTAFSQKELAGKIREGKFRRIPYRY
SDELNEIITRMLNLKDYHRPSVEEILENPLILEHHHHHH
;
_entity_poly.pdbx_strand_id   A
#
loop_
_chem_comp.id
_chem_comp.type
_chem_comp.name
_chem_comp.formula
30E non-polymer '(3R,4R)-1-[3-amino-6-(3,4,5-trimethoxyphenyl)pyrazin-2-yl]-3-ethylpiperidine-4-carboxylic acid' 'C21 H28 N4 O5'
CL non-polymer 'CHLORIDE ION' 'Cl -1'
#
# COMPACT_ATOMS: atom_id res chain seq x y z
N SER A 3 5.05 -28.35 3.10
CA SER A 3 5.68 -27.24 2.39
C SER A 3 7.17 -27.10 2.72
N ARG A 4 8.01 -27.45 1.76
CA ARG A 4 9.45 -27.34 1.91
C ARG A 4 9.99 -26.41 0.84
N ALA A 5 11.16 -25.83 1.09
CA ALA A 5 11.79 -24.94 0.12
C ALA A 5 11.98 -25.64 -1.22
N GLU A 6 12.36 -26.92 -1.17
CA GLU A 6 12.64 -27.69 -2.38
C GLU A 6 11.43 -27.79 -3.29
N ASP A 7 10.25 -27.50 -2.76
CA ASP A 7 9.04 -27.47 -3.56
C ASP A 7 9.01 -26.27 -4.52
N TYR A 8 9.95 -25.36 -4.35
CA TYR A 8 9.99 -24.15 -5.17
C TYR A 8 11.38 -23.94 -5.74
N GLU A 9 11.46 -23.21 -6.84
CA GLU A 9 12.75 -22.81 -7.36
C GLU A 9 12.84 -21.30 -7.51
N VAL A 10 13.88 -20.72 -6.92
CA VAL A 10 14.12 -19.28 -7.06
C VAL A 10 14.50 -18.98 -8.50
N LEU A 11 13.80 -18.03 -9.10
CA LEU A 11 14.17 -17.54 -10.42
C LEU A 11 15.24 -16.46 -10.27
N TYR A 12 14.93 -15.43 -9.48
CA TYR A 12 15.89 -14.36 -9.21
C TYR A 12 15.37 -13.41 -8.12
N THR A 13 16.26 -12.57 -7.63
CA THR A 13 15.97 -11.64 -6.55
C THR A 13 15.38 -10.34 -7.09
N ILE A 14 14.23 -9.96 -6.55
CA ILE A 14 13.59 -8.71 -6.91
C ILE A 14 14.19 -7.56 -6.09
N GLY A 15 14.30 -7.78 -4.78
CA GLY A 15 14.84 -6.78 -3.88
C GLY A 15 15.44 -7.39 -2.63
N THR A 16 16.11 -6.55 -1.85
CA THR A 16 16.76 -7.00 -0.62
C THR A 16 16.74 -5.89 0.43
N GLY A 20 14.89 -8.99 4.84
CA GLY A 20 15.85 -9.74 4.05
C GLY A 20 15.63 -9.64 2.56
N ARG A 21 15.44 -10.78 1.91
CA ARG A 21 15.37 -10.85 0.46
C ARG A 21 13.94 -11.13 -0.04
N CYS A 22 13.57 -10.46 -1.12
CA CYS A 22 12.32 -10.76 -1.83
C CYS A 22 12.69 -11.43 -3.14
N GLN A 23 12.12 -12.61 -3.38
CA GLN A 23 12.52 -13.39 -4.55
C GLN A 23 11.32 -13.87 -5.33
N LYS A 24 11.47 -13.88 -6.65
CA LYS A 24 10.47 -14.43 -7.54
C LYS A 24 10.78 -15.90 -7.63
N ILE A 25 9.76 -16.72 -7.40
CA ILE A 25 9.95 -18.17 -7.34
C ILE A 25 8.91 -18.88 -8.20
N ARG A 26 9.18 -20.15 -8.49
CA ARG A 26 8.25 -20.97 -9.25
C ARG A 26 7.95 -22.26 -8.50
N ARG A 27 6.66 -22.50 -8.25
CA ARG A 27 6.21 -23.73 -7.62
C ARG A 27 6.38 -24.87 -8.61
N LYS A 28 7.15 -25.90 -8.25
CA LYS A 28 7.49 -26.97 -9.19
C LYS A 28 6.31 -27.79 -9.68
N SER A 29 5.31 -27.97 -8.82
CA SER A 29 4.21 -28.89 -9.10
C SER A 29 3.36 -28.45 -10.29
N ASP A 30 3.09 -27.16 -10.38
CA ASP A 30 2.23 -26.62 -11.42
C ASP A 30 2.86 -25.45 -12.17
N GLY A 31 4.05 -25.06 -11.75
CA GLY A 31 4.77 -23.98 -12.38
C GLY A 31 4.28 -22.59 -12.03
N LYS A 32 3.41 -22.49 -11.03
CA LYS A 32 2.86 -21.19 -10.65
C LYS A 32 3.93 -20.20 -10.19
N ILE A 33 3.87 -18.99 -10.72
CA ILE A 33 4.81 -17.94 -10.35
C ILE A 33 4.37 -17.23 -9.07
N LEU A 34 5.27 -17.12 -8.11
CA LEU A 34 4.96 -16.55 -6.80
C LEU A 34 6.13 -15.70 -6.36
N VAL A 35 6.08 -15.19 -5.13
CA VAL A 35 7.28 -14.64 -4.53
C VAL A 35 7.40 -15.15 -3.10
N TRP A 36 8.60 -15.12 -2.56
CA TRP A 36 8.73 -15.26 -1.12
C TRP A 36 9.59 -14.16 -0.51
N LYS A 37 9.30 -13.86 0.75
CA LYS A 37 10.14 -12.97 1.52
C LYS A 37 11.00 -13.84 2.45
N GLU A 38 12.31 -13.62 2.38
CA GLU A 38 13.28 -14.40 3.16
C GLU A 38 13.62 -13.69 4.47
N LEU A 39 13.39 -14.36 5.59
CA LEU A 39 13.67 -13.77 6.91
C LEU A 39 14.66 -14.64 7.71
N ASP A 40 15.83 -14.07 8.01
CA ASP A 40 16.81 -14.76 8.87
C ASP A 40 16.49 -14.47 10.33
N TYR A 41 16.00 -15.48 11.04
CA TYR A 41 15.57 -15.30 12.44
C TYR A 41 16.63 -15.75 13.43
N GLY A 42 17.80 -16.13 12.92
CA GLY A 42 18.87 -16.66 13.73
C GLY A 42 19.23 -15.80 14.92
N SER A 43 19.14 -14.48 14.76
CA SER A 43 19.54 -13.54 15.81
C SER A 43 18.39 -13.11 16.72
N MET A 44 17.23 -13.74 16.54
CA MET A 44 16.05 -13.40 17.32
C MET A 44 15.95 -14.15 18.64
N THR A 45 15.32 -13.52 19.61
CA THR A 45 15.03 -14.15 20.90
C THR A 45 13.80 -15.00 20.75
N GLU A 46 13.53 -15.84 21.75
CA GLU A 46 12.31 -16.63 21.74
C GLU A 46 11.10 -15.71 21.71
N ALA A 47 11.19 -14.60 22.44
CA ALA A 47 10.12 -13.61 22.50
C ALA A 47 9.78 -13.08 21.12
N GLU A 48 10.80 -12.63 20.40
CA GLU A 48 10.61 -12.06 19.07
C GLU A 48 10.13 -13.08 18.05
N LYS A 49 10.56 -14.33 18.23
CA LYS A 49 10.12 -15.41 17.35
C LYS A 49 8.64 -15.72 17.59
N GLN A 50 8.24 -15.69 18.85
CA GLN A 50 6.84 -15.83 19.21
C GLN A 50 6.01 -14.69 18.61
N MET A 51 6.58 -13.49 18.65
CA MET A 51 5.94 -12.33 18.04
C MET A 51 5.85 -12.51 16.53
N LEU A 52 6.84 -13.16 15.96
CA LEU A 52 6.88 -13.42 14.54
C LEU A 52 5.81 -14.43 14.14
N VAL A 53 5.63 -15.45 14.98
CA VAL A 53 4.62 -16.48 14.78
C VAL A 53 3.22 -15.86 14.75
N SER A 54 2.95 -14.98 15.71
CA SER A 54 1.68 -14.28 15.74
C SER A 54 1.43 -13.54 14.42
N GLU A 55 2.35 -12.65 14.06
CA GLU A 55 2.24 -11.86 12.84
C GLU A 55 1.88 -12.72 11.63
N VAL A 56 2.62 -13.80 11.42
CA VAL A 56 2.43 -14.65 10.25
C VAL A 56 1.05 -15.31 10.23
N ASN A 57 0.56 -15.70 11.39
CA ASN A 57 -0.78 -16.27 11.50
C ASN A 57 -1.84 -15.25 11.12
N LEU A 58 -1.60 -13.99 11.46
CA LEU A 58 -2.52 -12.91 11.10
C LEU A 58 -2.61 -12.71 9.59
N LEU A 59 -1.46 -12.80 8.92
CA LEU A 59 -1.40 -12.66 7.47
C LEU A 59 -2.17 -13.77 6.78
N ARG A 60 -2.09 -14.97 7.34
CA ARG A 60 -2.76 -16.13 6.77
C ARG A 60 -4.28 -15.96 6.74
N GLU A 61 -4.81 -15.16 7.66
CA GLU A 61 -6.25 -14.96 7.78
C GLU A 61 -6.81 -13.90 6.82
N LEU A 62 -5.93 -13.08 6.25
CA LEU A 62 -6.35 -12.01 5.35
C LEU A 62 -6.61 -12.50 3.93
N LYS A 63 -7.88 -12.67 3.59
CA LYS A 63 -8.26 -13.04 2.23
C LYS A 63 -9.15 -11.95 1.65
N HIS A 64 -8.61 -11.19 0.70
CA HIS A 64 -9.35 -10.10 0.05
C HIS A 64 -8.66 -9.81 -1.26
N PRO A 65 -9.44 -9.57 -2.33
CA PRO A 65 -8.86 -9.30 -3.65
C PRO A 65 -7.89 -8.12 -3.64
N ASN A 66 -8.08 -7.15 -2.74
CA ASN A 66 -7.20 -5.98 -2.74
C ASN A 66 -6.14 -5.96 -1.62
N ILE A 67 -5.83 -7.14 -1.09
CA ILE A 67 -4.75 -7.32 -0.14
C ILE A 67 -3.82 -8.41 -0.66
N VAL A 68 -2.52 -8.12 -0.71
CA VAL A 68 -1.57 -9.09 -1.22
C VAL A 68 -1.85 -10.45 -0.55
N ARG A 69 -2.00 -11.48 -1.37
CA ARG A 69 -2.40 -12.80 -0.85
C ARG A 69 -1.21 -13.62 -0.34
N TYR A 70 -1.31 -14.05 0.92
CA TYR A 70 -0.34 -14.94 1.54
CA TYR A 70 -0.27 -14.93 1.42
C TYR A 70 -0.66 -16.40 1.22
N TYR A 71 0.36 -17.20 0.89
CA TYR A 71 0.12 -18.58 0.46
C TYR A 71 0.66 -19.62 1.44
N ASP A 72 1.81 -19.34 2.04
CA ASP A 72 2.53 -20.38 2.75
C ASP A 72 3.63 -19.79 3.59
N ARG A 73 4.12 -20.58 4.53
CA ARG A 73 5.30 -20.23 5.30
C ARG A 73 6.19 -21.46 5.32
N ILE A 74 7.48 -21.27 5.08
CA ILE A 74 8.43 -22.38 5.04
C ILE A 74 9.55 -22.12 6.01
N ILE A 75 9.82 -23.09 6.87
CA ILE A 75 10.91 -22.96 7.84
C ILE A 75 12.13 -23.76 7.39
N ASP A 76 13.28 -23.08 7.33
CA ASP A 76 14.55 -23.74 7.05
C ASP A 76 15.41 -23.66 8.30
N ARG A 77 15.21 -24.60 9.22
CA ARG A 77 15.89 -24.58 10.52
C ARG A 77 17.42 -24.56 10.40
N THR A 78 17.94 -25.10 9.30
CA THR A 78 19.39 -25.16 9.11
C THR A 78 19.98 -23.77 8.95
N ASN A 79 19.44 -23.00 8.01
CA ASN A 79 19.91 -21.64 7.76
C ASN A 79 19.19 -20.62 8.64
N THR A 80 18.43 -21.13 9.61
CA THR A 80 17.56 -20.29 10.43
C THR A 80 16.82 -19.26 9.57
N THR A 81 16.18 -19.75 8.50
CA THR A 81 15.49 -18.87 7.57
C THR A 81 14.01 -19.21 7.44
N LEU A 82 13.16 -18.19 7.55
CA LEU A 82 11.73 -18.34 7.38
C LEU A 82 11.30 -17.69 6.07
N TYR A 83 10.54 -18.43 5.25
CA TYR A 83 10.06 -17.93 3.96
C TYR A 83 8.56 -17.70 3.97
N ILE A 84 8.14 -16.48 3.65
CA ILE A 84 6.72 -16.21 3.48
C ILE A 84 6.38 -16.19 1.99
N VAL A 85 5.56 -17.14 1.57
CA VAL A 85 5.19 -17.29 0.17
C VAL A 85 3.88 -16.56 -0.11
N MET A 86 3.82 -15.85 -1.23
CA MET A 86 2.68 -15.00 -1.53
C MET A 86 2.55 -14.76 -3.03
N GLU A 87 1.45 -14.13 -3.43
CA GLU A 87 1.24 -13.86 -4.85
C GLU A 87 2.29 -12.90 -5.39
N TYR A 88 2.55 -13.00 -6.69
CA TYR A 88 3.46 -12.10 -7.38
C TYR A 88 2.67 -10.97 -8.00
N CYS A 89 3.13 -9.74 -7.79
CA CYS A 89 2.49 -8.57 -8.35
C CYS A 89 3.36 -8.00 -9.44
N GLU A 90 3.10 -8.40 -10.68
CA GLU A 90 4.02 -8.14 -11.77
C GLU A 90 4.24 -6.64 -12.04
N GLY A 91 3.31 -5.80 -11.58
CA GLY A 91 3.40 -4.38 -11.85
C GLY A 91 4.21 -3.60 -10.82
N GLY A 92 4.71 -4.29 -9.80
CA GLY A 92 5.58 -3.65 -8.83
C GLY A 92 4.81 -2.73 -7.88
N ASP A 93 5.49 -1.74 -7.32
CA ASP A 93 4.86 -0.89 -6.32
C ASP A 93 4.54 0.52 -6.83
N LEU A 94 3.68 1.23 -6.11
CA LEU A 94 3.20 2.54 -6.52
C LEU A 94 4.30 3.60 -6.43
N ALA A 95 5.25 3.39 -5.52
CA ALA A 95 6.40 4.29 -5.40
C ALA A 95 7.13 4.37 -6.73
N SER A 96 7.35 3.22 -7.36
CA SER A 96 8.12 3.20 -8.60
C SER A 96 7.34 3.82 -9.75
N VAL A 97 6.02 3.65 -9.72
CA VAL A 97 5.17 4.27 -10.72
C VAL A 97 5.27 5.80 -10.65
N ILE A 98 5.27 6.33 -9.44
CA ILE A 98 5.30 7.79 -9.22
C ILE A 98 6.65 8.39 -9.61
N THR A 99 7.74 7.74 -9.19
CA THR A 99 9.06 8.23 -9.53
C THR A 99 9.22 8.16 -11.05
N LYS A 100 8.62 7.14 -11.65
CA LYS A 100 8.67 7.01 -13.10
C LYS A 100 7.95 8.16 -13.82
N GLY A 101 6.80 8.56 -13.30
CA GLY A 101 6.08 9.69 -13.86
C GLY A 101 6.86 10.98 -13.64
N THR A 102 7.53 11.06 -12.50
CA THR A 102 8.28 12.26 -12.12
C THR A 102 9.44 12.48 -13.08
N LYS A 103 10.15 11.40 -13.38
CA LYS A 103 11.36 11.48 -14.18
C LYS A 103 11.06 11.64 -15.66
N GLU A 104 9.95 11.05 -16.11
CA GLU A 104 9.56 11.15 -17.51
C GLU A 104 8.67 12.36 -17.77
N ARG A 105 8.40 13.14 -16.72
CA ARG A 105 7.51 14.28 -16.84
C ARG A 105 6.19 13.86 -17.49
N GLN A 106 5.53 12.87 -16.90
CA GLN A 106 4.28 12.37 -17.46
C GLN A 106 3.29 12.02 -16.35
N TYR A 107 2.18 12.75 -16.30
CA TYR A 107 1.16 12.51 -15.28
C TYR A 107 0.43 11.17 -15.52
N LEU A 108 -0.07 10.56 -14.46
CA LEU A 108 -0.89 9.34 -14.58
C LEU A 108 -2.32 9.65 -15.02
N ASP A 109 -2.92 8.74 -15.78
CA ASP A 109 -4.32 8.85 -16.22
C ASP A 109 -5.29 8.94 -15.04
N GLU A 110 -6.31 9.78 -15.17
CA GLU A 110 -7.36 9.82 -14.14
C GLU A 110 -7.96 8.42 -13.89
N GLU A 111 -8.14 7.63 -14.96
CA GLU A 111 -8.66 6.27 -14.81
C GLU A 111 -7.85 5.42 -13.85
N PHE A 112 -6.53 5.56 -13.92
CA PHE A 112 -5.65 4.82 -13.03
C PHE A 112 -5.79 5.30 -11.60
N VAL A 113 -5.85 6.62 -11.41
CA VAL A 113 -6.04 7.15 -10.07
C VAL A 113 -7.35 6.67 -9.42
N LEU A 114 -8.41 6.62 -10.23
CA LEU A 114 -9.72 6.13 -9.77
C LEU A 114 -9.67 4.65 -9.39
N ARG A 115 -8.90 3.87 -10.15
CA ARG A 115 -8.73 2.46 -9.79
C ARG A 115 -8.06 2.31 -8.43
N VAL A 116 -6.99 3.08 -8.22
CA VAL A 116 -6.30 3.03 -6.94
C VAL A 116 -7.21 3.49 -5.81
N MET A 117 -7.92 4.60 -6.03
CA MET A 117 -8.82 5.11 -5.00
C MET A 117 -9.85 4.03 -4.60
N THR A 118 -10.54 3.48 -5.59
CA THR A 118 -11.59 2.48 -5.35
C THR A 118 -11.05 1.26 -4.60
N GLN A 119 -9.98 0.68 -5.14
CA GLN A 119 -9.47 -0.60 -4.66
C GLN A 119 -8.77 -0.49 -3.30
N LEU A 120 -8.02 0.59 -3.07
CA LEU A 120 -7.43 0.83 -1.74
C LEU A 120 -8.49 1.18 -0.70
N THR A 121 -9.54 1.87 -1.11
CA THR A 121 -10.62 2.18 -0.18
C THR A 121 -11.29 0.89 0.28
N LEU A 122 -11.48 -0.03 -0.64
CA LEU A 122 -12.02 -1.35 -0.28
C LEU A 122 -11.05 -2.15 0.63
N ALA A 123 -9.75 -2.13 0.33
CA ALA A 123 -8.77 -2.77 1.21
C ALA A 123 -8.86 -2.20 2.61
N LEU A 124 -8.92 -0.88 2.69
CA LEU A 124 -9.04 -0.19 3.96
C LEU A 124 -10.31 -0.61 4.70
N LYS A 125 -11.43 -0.62 3.99
CA LYS A 125 -12.70 -1.06 4.54
C LYS A 125 -12.57 -2.44 5.18
N GLU A 126 -11.83 -3.33 4.52
CA GLU A 126 -11.62 -4.68 5.04
C GLU A 126 -10.74 -4.68 6.29
N CYS A 127 -9.68 -3.88 6.29
CA CYS A 127 -8.81 -3.76 7.46
C CYS A 127 -9.59 -3.29 8.68
N HIS A 128 -10.47 -2.33 8.48
CA HIS A 128 -11.28 -1.79 9.57
C HIS A 128 -12.27 -2.82 10.10
N ARG A 129 -12.76 -3.68 9.22
CA ARG A 129 -13.65 -4.77 9.62
C ARG A 129 -12.97 -5.69 10.63
N ARG A 130 -11.79 -6.16 10.28
CA ARG A 130 -11.09 -7.21 11.02
C ARG A 130 -10.66 -6.78 12.42
N SER A 131 -9.91 -5.69 12.51
CA SER A 131 -9.41 -5.23 13.79
C SER A 131 -10.52 -4.83 14.75
N ARG A 140 -0.87 -1.51 8.96
CA ARG A 140 -0.64 -1.53 7.51
C ARG A 140 -0.72 -0.13 6.92
N ASP A 141 0.44 0.53 6.83
CA ASP A 141 0.50 1.92 6.40
C ASP A 141 0.21 2.11 4.92
N LEU A 142 -0.58 3.15 4.63
CA LEU A 142 -0.84 3.57 3.26
C LEU A 142 0.26 4.49 2.82
N LYS A 143 1.19 3.94 2.03
CA LYS A 143 2.25 4.73 1.41
C LYS A 143 2.56 4.05 0.08
N PRO A 144 3.04 4.81 -0.91
CA PRO A 144 3.19 4.19 -2.23
C PRO A 144 3.98 2.87 -2.18
N ALA A 145 5.02 2.80 -1.36
CA ALA A 145 5.88 1.62 -1.34
C ALA A 145 5.16 0.36 -0.86
N ASN A 146 3.99 0.52 -0.24
CA ASN A 146 3.25 -0.63 0.29
C ASN A 146 2.01 -0.94 -0.55
N VAL A 147 1.93 -0.37 -1.74
CA VAL A 147 0.81 -0.66 -2.65
C VAL A 147 1.33 -1.24 -3.95
N PHE A 148 0.80 -2.41 -4.31
CA PHE A 148 1.30 -3.18 -5.43
C PHE A 148 0.27 -3.37 -6.55
N LEU A 149 0.77 -3.60 -7.76
CA LEU A 149 -0.06 -3.75 -8.95
C LEU A 149 0.16 -5.13 -9.55
N ASP A 150 -0.92 -5.87 -9.80
CA ASP A 150 -0.77 -7.16 -10.48
C ASP A 150 -0.81 -6.93 -11.99
N GLY A 151 -0.98 -8.00 -12.76
CA GLY A 151 -0.94 -7.88 -14.21
C GLY A 151 -2.30 -7.63 -14.85
N LYS A 152 -3.32 -7.36 -14.03
CA LYS A 152 -4.69 -7.25 -14.53
C LYS A 152 -5.38 -5.97 -14.08
N GLN A 153 -4.57 -4.94 -13.81
CA GLN A 153 -5.06 -3.64 -13.37
C GLN A 153 -5.65 -3.67 -11.97
N ASN A 154 -5.18 -4.62 -11.17
CA ASN A 154 -5.66 -4.71 -9.80
C ASN A 154 -4.66 -4.11 -8.86
N VAL A 155 -5.15 -3.58 -7.75
CA VAL A 155 -4.32 -2.83 -6.83
C VAL A 155 -4.38 -3.52 -5.49
N LYS A 156 -3.23 -3.76 -4.86
CA LYS A 156 -3.21 -4.54 -3.63
C LYS A 156 -2.35 -3.93 -2.52
N LEU A 157 -2.92 -3.92 -1.32
CA LEU A 157 -2.22 -3.39 -0.17
C LEU A 157 -1.33 -4.49 0.40
N GLY A 158 -0.06 -4.17 0.63
CA GLY A 158 0.86 -5.10 1.26
C GLY A 158 1.04 -4.76 2.74
N ASP A 159 2.18 -5.12 3.32
CA ASP A 159 2.47 -4.70 4.70
C ASP A 159 3.94 -4.28 4.86
N PHE A 176 12.48 6.48 11.08
CA PHE A 176 13.08 7.58 11.80
C PHE A 176 13.73 8.59 10.87
N VAL A 177 14.56 8.11 9.94
CA VAL A 177 15.24 8.99 9.00
C VAL A 177 14.25 9.74 8.12
N GLY A 178 13.21 9.04 7.67
CA GLY A 178 12.25 9.61 6.74
C GLY A 178 11.36 10.68 7.32
N THR A 179 10.92 11.59 6.46
CA THR A 179 9.92 12.59 6.82
C THR A 179 8.55 11.92 6.73
N PRO A 180 7.71 12.10 7.74
CA PRO A 180 6.40 11.44 7.79
C PRO A 180 5.36 12.20 6.98
N TYR A 181 5.53 12.24 5.65
CA TYR A 181 4.66 13.03 4.76
C TYR A 181 3.16 12.86 4.96
N TYR A 182 2.75 11.65 5.33
CA TYR A 182 1.33 11.32 5.39
C TYR A 182 0.73 11.37 6.79
N MET A 183 1.46 11.89 7.76
CA MET A 183 0.94 11.92 9.12
C MET A 183 -0.24 12.89 9.23
N SER A 184 -1.35 12.40 9.75
CA SER A 184 -2.55 13.23 9.91
C SER A 184 -2.40 14.22 11.06
N PRO A 185 -3.19 15.30 11.04
CA PRO A 185 -3.22 16.27 12.14
C PRO A 185 -3.54 15.64 13.51
N GLU A 186 -4.37 14.59 13.56
CA GLU A 186 -4.68 13.91 14.82
C GLU A 186 -3.44 13.22 15.37
N GLN A 187 -2.76 12.51 14.48
CA GLN A 187 -1.65 11.66 14.87
C GLN A 187 -0.51 12.48 15.43
N MET A 188 -0.24 13.63 14.82
CA MET A 188 0.85 14.48 15.29
C MET A 188 0.52 15.19 16.60
N ASN A 189 -0.55 14.75 17.27
CA ASN A 189 -0.96 15.31 18.55
C ASN A 189 -1.15 14.23 19.62
N ASN A 194 -8.26 5.77 15.04
CA ASN A 194 -9.13 6.66 14.29
C ASN A 194 -9.12 6.33 12.79
N GLU A 195 -10.20 5.72 12.32
CA GLU A 195 -10.32 5.33 10.92
C GLU A 195 -10.27 6.53 9.95
N LYS A 196 -10.75 7.69 10.41
CA LYS A 196 -10.66 8.90 9.58
C LYS A 196 -9.19 9.28 9.36
N SER A 197 -8.31 8.91 10.27
CA SER A 197 -6.88 9.13 10.08
C SER A 197 -6.38 8.39 8.85
N ASP A 198 -6.91 7.19 8.63
CA ASP A 198 -6.52 6.43 7.45
C ASP A 198 -7.01 7.12 6.20
N ILE A 199 -8.15 7.79 6.29
CA ILE A 199 -8.69 8.53 5.14
C ILE A 199 -7.74 9.67 4.74
N TRP A 200 -7.20 10.35 5.75
CA TRP A 200 -6.20 11.40 5.47
C TRP A 200 -5.02 10.82 4.69
N SER A 201 -4.50 9.69 5.16
CA SER A 201 -3.32 9.08 4.53
C SER A 201 -3.62 8.66 3.10
N LEU A 202 -4.81 8.14 2.87
CA LEU A 202 -5.25 7.80 1.52
C LEU A 202 -5.28 9.05 0.65
N GLY A 203 -5.84 10.13 1.18
CA GLY A 203 -5.86 11.40 0.48
C GLY A 203 -4.45 11.79 0.07
N CYS A 204 -3.48 11.65 0.98
CA CYS A 204 -2.11 12.03 0.68
C CYS A 204 -1.56 11.18 -0.46
N LEU A 205 -1.86 9.88 -0.43
CA LEU A 205 -1.35 8.96 -1.42
C LEU A 205 -1.93 9.29 -2.79
N LEU A 206 -3.25 9.51 -2.84
CA LEU A 206 -3.92 9.81 -4.11
C LEU A 206 -3.46 11.16 -4.62
N TYR A 207 -3.25 12.09 -3.70
CA TYR A 207 -2.73 13.41 -4.09
C TYR A 207 -1.37 13.24 -4.77
N GLU A 208 -0.50 12.43 -4.16
CA GLU A 208 0.86 12.29 -4.69
C GLU A 208 0.83 11.58 -6.04
N LEU A 209 -0.11 10.66 -6.21
CA LEU A 209 -0.27 9.98 -7.49
C LEU A 209 -0.61 10.96 -8.60
N CYS A 210 -1.44 11.96 -8.29
CA CYS A 210 -1.86 12.95 -9.29
C CYS A 210 -0.80 14.01 -9.54
N ALA A 211 -0.21 14.53 -8.46
CA ALA A 211 0.70 15.69 -8.55
C ALA A 211 2.15 15.26 -8.71
N LEU A 212 2.43 14.01 -8.35
CA LEU A 212 3.80 13.47 -8.40
C LEU A 212 4.65 14.10 -7.32
N MET A 213 3.97 14.69 -6.33
CA MET A 213 4.62 15.17 -5.11
C MET A 213 3.52 15.13 -4.06
N PRO A 214 3.89 14.96 -2.78
CA PRO A 214 2.94 14.90 -1.68
C PRO A 214 2.35 16.28 -1.44
N PRO A 215 1.22 16.37 -0.72
CA PRO A 215 0.54 17.68 -0.57
C PRO A 215 1.29 18.65 0.33
N PHE A 216 2.02 18.13 1.32
CA PHE A 216 2.83 18.95 2.19
C PHE A 216 4.28 18.49 2.10
N THR A 217 5.17 19.40 1.77
CA THR A 217 6.59 19.09 1.73
C THR A 217 7.34 20.02 2.66
N ALA A 218 8.49 19.54 3.16
CA ALA A 218 9.31 20.34 4.05
C ALA A 218 10.67 19.64 4.24
N PHE A 219 11.66 20.38 4.71
CA PHE A 219 13.00 19.81 4.91
C PHE A 219 13.16 19.15 6.28
N SER A 220 12.33 19.56 7.25
CA SER A 220 12.35 18.96 8.57
C SER A 220 10.94 18.57 8.99
N GLN A 221 10.83 17.79 10.06
CA GLN A 221 9.51 17.38 10.52
C GLN A 221 8.74 18.53 11.14
N LYS A 222 9.47 19.46 11.77
CA LYS A 222 8.83 20.60 12.41
C LYS A 222 8.23 21.55 11.38
N GLU A 223 8.93 21.76 10.27
CA GLU A 223 8.41 22.59 9.19
C GLU A 223 7.20 21.88 8.58
N LEU A 224 7.34 20.57 8.37
CA LEU A 224 6.26 19.74 7.88
C LEU A 224 5.00 19.87 8.73
N ALA A 225 5.16 19.69 10.04
CA ALA A 225 4.04 19.81 10.98
C ALA A 225 3.36 21.18 10.85
N GLY A 226 4.17 22.22 10.69
CA GLY A 226 3.64 23.56 10.50
C GLY A 226 2.74 23.65 9.27
N LYS A 227 3.19 23.08 8.15
CA LYS A 227 2.37 23.11 6.93
C LYS A 227 1.08 22.30 7.07
N ILE A 228 1.16 21.15 7.72
CA ILE A 228 -0.02 20.30 7.91
C ILE A 228 -1.10 21.03 8.69
N ARG A 229 -0.69 21.74 9.75
CA ARG A 229 -1.64 22.48 10.58
C ARG A 229 -2.37 23.59 9.83
N GLU A 230 -1.74 24.14 8.80
CA GLU A 230 -2.40 25.17 8.01
C GLU A 230 -3.35 24.53 6.99
N GLY A 231 -3.07 23.29 6.61
CA GLY A 231 -3.96 22.48 5.79
C GLY A 231 -4.15 23.01 4.38
N LYS A 232 -3.19 23.81 3.90
CA LYS A 232 -3.23 24.35 2.55
C LYS A 232 -2.31 23.58 1.62
N PHE A 233 -2.71 23.45 0.36
CA PHE A 233 -1.90 22.74 -0.62
C PHE A 233 -2.35 23.18 -2.00
N ARG A 234 -1.56 22.87 -3.02
CA ARG A 234 -1.91 23.19 -4.39
C ARG A 234 -3.04 22.28 -4.87
N ARG A 235 -3.87 22.78 -5.79
CA ARG A 235 -4.85 21.91 -6.42
C ARG A 235 -4.05 20.86 -7.19
N ILE A 236 -4.57 19.65 -7.31
CA ILE A 236 -3.95 18.68 -8.20
C ILE A 236 -4.00 19.25 -9.62
N PRO A 237 -3.15 18.74 -10.51
CA PRO A 237 -3.04 19.27 -11.88
C PRO A 237 -4.38 19.38 -12.63
N TYR A 238 -4.50 20.38 -13.51
CA TYR A 238 -5.77 20.65 -14.19
C TYR A 238 -6.25 19.56 -15.15
N ARG A 239 -5.37 18.67 -15.57
CA ARG A 239 -5.79 17.53 -16.36
C ARG A 239 -6.81 16.66 -15.59
N TYR A 240 -6.82 16.77 -14.26
CA TYR A 240 -7.73 15.99 -13.42
C TYR A 240 -9.02 16.74 -13.13
N SER A 241 -10.14 16.02 -13.15
CA SER A 241 -11.47 16.63 -13.05
C SER A 241 -11.68 17.31 -11.71
N ASP A 242 -12.53 18.33 -11.72
CA ASP A 242 -13.00 18.96 -10.49
C ASP A 242 -13.56 17.93 -9.50
N GLU A 243 -14.24 16.92 -10.02
CA GLU A 243 -14.80 15.91 -9.11
C GLU A 243 -13.70 15.14 -8.36
N LEU A 244 -12.64 14.74 -9.08
CA LEU A 244 -11.52 14.06 -8.44
C LEU A 244 -10.76 14.99 -7.49
N ASN A 245 -10.54 16.23 -7.90
CA ASN A 245 -9.91 17.18 -6.99
C ASN A 245 -10.73 17.33 -5.70
N GLU A 246 -12.05 17.42 -5.86
CA GLU A 246 -12.95 17.62 -4.73
C GLU A 246 -12.85 16.50 -3.68
N ILE A 247 -12.87 15.25 -4.11
CA ILE A 247 -12.85 14.16 -3.13
C ILE A 247 -11.49 14.01 -2.46
N ILE A 248 -10.41 14.17 -3.22
CA ILE A 248 -9.11 14.15 -2.61
C ILE A 248 -8.95 15.29 -1.58
N THR A 249 -9.44 16.47 -1.93
CA THR A 249 -9.42 17.62 -1.02
C THR A 249 -10.23 17.37 0.25
N ARG A 250 -11.39 16.70 0.11
CA ARG A 250 -12.20 16.33 1.28
CA ARG A 250 -12.20 16.33 1.28
C ARG A 250 -11.45 15.39 2.22
N MET A 251 -10.73 14.43 1.65
CA MET A 251 -9.96 13.50 2.46
C MET A 251 -8.86 14.21 3.25
N LEU A 252 -8.42 15.35 2.73
CA LEU A 252 -7.37 16.13 3.38
C LEU A 252 -7.94 17.25 4.24
N ASN A 253 -9.19 17.13 4.66
CA ASN A 253 -9.74 18.13 5.57
C ASN A 253 -9.03 18.04 6.92
N LEU A 254 -8.79 19.20 7.54
CA LEU A 254 -8.16 19.24 8.85
C LEU A 254 -8.97 18.53 9.94
N LYS A 255 -10.31 18.61 9.84
CA LYS A 255 -11.20 17.94 10.79
C LYS A 255 -11.49 16.52 10.34
N ASP A 256 -11.15 15.54 11.17
CA ASP A 256 -11.41 14.15 10.82
C ASP A 256 -12.87 13.91 10.47
N TYR A 257 -13.77 14.56 11.20
CA TYR A 257 -15.21 14.37 10.97
C TYR A 257 -15.75 15.00 9.68
N HIS A 258 -14.95 15.82 9.01
CA HIS A 258 -15.35 16.31 7.68
C HIS A 258 -14.84 15.44 6.53
N ARG A 259 -13.89 14.56 6.83
CA ARG A 259 -13.40 13.60 5.85
C ARG A 259 -14.46 12.56 5.57
N PRO A 260 -14.57 12.13 4.30
CA PRO A 260 -15.58 11.13 3.95
C PRO A 260 -15.21 9.76 4.51
N SER A 261 -16.21 8.98 4.92
CA SER A 261 -15.96 7.59 5.33
C SER A 261 -15.69 6.76 4.07
N VAL A 262 -15.24 5.51 4.25
CA VAL A 262 -15.06 4.63 3.11
C VAL A 262 -16.38 4.49 2.33
N GLU A 263 -17.48 4.42 3.06
CA GLU A 263 -18.79 4.33 2.44
C GLU A 263 -19.11 5.54 1.58
N GLU A 264 -18.85 6.75 2.10
CA GLU A 264 -19.08 7.97 1.36
C GLU A 264 -18.13 8.08 0.16
N ILE A 265 -16.90 7.61 0.31
CA ILE A 265 -15.99 7.59 -0.83
C ILE A 265 -16.58 6.77 -1.97
N LEU A 266 -16.99 5.54 -1.66
CA LEU A 266 -17.42 4.59 -2.71
C LEU A 266 -18.76 4.98 -3.35
N GLU A 267 -19.55 5.78 -2.64
CA GLU A 267 -20.78 6.33 -3.19
C GLU A 267 -20.52 7.39 -4.27
N ASN A 268 -19.27 7.85 -4.39
CA ASN A 268 -18.97 8.92 -5.36
C ASN A 268 -19.29 8.54 -6.81
N PRO A 269 -19.99 9.44 -7.54
CA PRO A 269 -20.33 9.19 -8.95
C PRO A 269 -19.11 8.84 -9.81
N LEU A 270 -17.91 9.30 -9.42
CA LEU A 270 -16.69 8.94 -10.15
C LEU A 270 -16.47 7.42 -10.22
N ILE A 271 -16.87 6.73 -9.16
CA ILE A 271 -16.44 5.34 -8.98
C ILE A 271 -17.39 4.35 -9.62
N LEU A 272 -16.87 3.61 -10.59
CA LEU A 272 -17.67 2.70 -11.41
C LEU A 272 -17.18 1.24 -11.32
N GLU A 273 -17.95 0.32 -11.88
CA GLU A 273 -17.63 -1.11 -11.73
C GLU A 273 -16.22 -1.42 -12.23
N HIS A 274 -15.89 -0.89 -13.40
CA HIS A 274 -14.59 -1.20 -14.02
C HIS A 274 -13.39 -0.70 -13.18
N HIS A 275 -13.62 0.16 -12.18
CA HIS A 275 -12.50 0.63 -11.33
C HIS A 275 -12.18 -0.39 -10.24
N HIS A 276 -13.08 -1.36 -10.05
CA HIS A 276 -12.92 -2.41 -9.04
C HIS A 276 -12.01 -3.52 -9.56
N HIS A 277 -11.67 -4.46 -8.69
CA HIS A 277 -10.82 -5.59 -9.08
C HIS A 277 -11.53 -6.51 -10.07
N HIS A 278 -10.75 -7.12 -10.98
CA HIS A 278 -11.23 -8.23 -11.83
C HIS A 278 -10.18 -9.33 -11.94
N HIS A 279 -10.64 -10.58 -11.81
CA HIS A 279 -9.76 -11.76 -11.90
C HIS A 279 -9.28 -12.00 -13.33
C01 30E B . 7.78 -9.74 -0.46
C02 30E B . 7.60 -8.50 0.43
C03 30E B . 6.80 -7.33 -0.14
C04 30E B . 6.90 -7.03 -1.65
N05 30E B . 5.97 -7.91 -2.32
C06 30E B . 5.89 -8.08 -3.81
N07 30E B . 6.74 -7.27 -4.59
C08 30E B . 6.76 -7.38 -5.98
C09 30E B . 7.60 -6.48 -6.68
C10 30E B . 8.20 -5.39 -5.93
C11 30E B . 9.05 -4.40 -6.64
O12 30E B . 9.64 -3.32 -5.95
C13 30E B . 9.55 -3.21 -4.55
C14 30E B . 9.25 -4.52 -8.07
O15 30E B . 10.04 -3.55 -8.71
C16 30E B . 9.50 -2.24 -8.83
C17 30E B . 8.61 -5.59 -8.82
O18 30E B . 8.78 -5.65 -10.21
C19 30E B . 8.37 -6.78 -10.91
C20 30E B . 7.77 -6.59 -8.12
C21 30E B . 5.91 -8.31 -6.65
N22 30E B . 5.05 -9.15 -5.85
C23 30E B . 5.03 -9.06 -4.47
N24 30E B . 4.18 -9.96 -3.72
C25 30E B . 4.77 -8.42 -1.65
C26 30E B . 4.27 -7.45 -0.56
C27 30E B . 5.40 -7.04 0.43
C28 30E B . 5.21 -7.35 1.91
O29 30E B . 6.08 -7.05 2.67
O30 30E B . 4.07 -8.00 2.37
CL CL C . 5.28 16.78 -14.95
CL CL D . -6.35 11.83 -17.56
CL CL E . -8.48 -9.65 -8.00
CL CL F . -14.47 4.89 6.92
CL CL G . -1.27 22.86 -10.25
CL CL H . -7.63 25.95 4.50
#